data_4FEM
#
_entry.id   4FEM
#
_cell.length_a   93.397
_cell.length_b   93.397
_cell.length_c   195.273
_cell.angle_alpha   90.00
_cell.angle_beta   90.00
_cell.angle_gamma   120.00
#
_symmetry.space_group_name_H-M   'P 61 2 2'
#
loop_
_entity.id
_entity.type
_entity.pdbx_description
1 polymer 'Outer membrane protein SusE'
2 branched Cyclohexakis-(1-4)-(alpha-D-glucopyranose)
3 non-polymer 1,2-ETHANEDIOL
4 water water
#
_entity_poly.entity_id   1
_entity_poly.type   'polypeptide(L)'
_entity_poly.pdbx_seq_one_letter_code
;GHMASDTFTLNTPAYAANNVYDLKNAQTVELTCSQPDYGFPAATTYTVQASFEQDFIEATDESKANYTVLESTSPTAKIN
VDASELNNALLDLWTAVNGEQAELPTEPVAVYIRLKANITSSGKGVCFSNVIELPNVLISKSTSSLTPPKTMFIVGSMLD
TDWKVWKPMAGVYGMDGQFYSMIYFDANSEFKFGTKENEYIGINDNRVTVTDKAGAGVSGSDNFVVENAGWYLFYVKAAV
KGDDYQFTITFYPAEVYLFGNTTGGSWAFNDEWKFTVPATKDGNFVSPAMTASGEVRMCFKTDLDWWRTEFTLHDGEIFY
RDFNLIDSWTEKGDGYSIQGSAGNVIHLNFTAGTGEKK
;
_entity_poly.pdbx_strand_id   A
#
# COMPACT_ATOMS: atom_id res chain seq x y z
N SER A 145 18.98 22.93 0.84
CA SER A 145 17.65 23.63 0.79
C SER A 145 16.50 22.69 0.41
N LEU A 146 16.83 21.62 -0.32
CA LEU A 146 15.82 20.67 -0.81
C LEU A 146 15.20 19.85 0.34
N THR A 147 13.86 19.79 0.36
CA THR A 147 13.17 18.77 1.15
C THR A 147 12.59 17.65 0.29
N PRO A 148 12.45 16.45 0.88
CA PRO A 148 11.74 15.30 0.33
C PRO A 148 10.38 15.69 -0.27
N PRO A 149 9.99 14.99 -1.34
CA PRO A 149 8.79 15.26 -2.11
C PRO A 149 7.56 14.81 -1.37
N LYS A 150 6.40 15.28 -1.80
CA LYS A 150 5.19 15.21 -1.01
C LYS A 150 4.26 14.29 -1.73
N THR A 151 4.61 14.02 -2.97
CA THR A 151 3.77 13.24 -3.85
C THR A 151 4.65 12.22 -4.56
N MET A 152 4.07 11.06 -4.82
CA MET A 152 4.70 10.07 -5.67
C MET A 152 3.64 9.43 -6.51
N PHE A 153 3.99 9.15 -7.77
CA PHE A 153 3.09 8.43 -8.66
C PHE A 153 3.78 7.22 -9.24
N ILE A 154 2.98 6.25 -9.64
CA ILE A 154 3.48 5.19 -10.47
C ILE A 154 2.69 5.13 -11.76
N VAL A 155 3.36 4.76 -12.86
CA VAL A 155 2.72 4.67 -14.19
C VAL A 155 3.23 3.44 -14.97
N GLY A 156 2.33 2.75 -15.64
CA GLY A 156 2.75 1.71 -16.56
C GLY A 156 1.66 0.75 -16.92
N SER A 157 2.05 -0.43 -17.38
CA SER A 157 1.21 -1.23 -18.24
C SER A 157 0.24 -2.07 -17.45
N MET A 158 0.52 -2.24 -16.17
CA MET A 158 -0.40 -2.96 -15.30
C MET A 158 -1.59 -2.07 -14.91
N LEU A 159 -1.51 -0.78 -15.24
CA LEU A 159 -2.61 0.17 -15.03
C LEU A 159 -3.30 0.54 -16.34
N ASP A 160 -2.50 0.88 -17.33
CA ASP A 160 -3.01 1.30 -18.63
C ASP A 160 -2.01 0.87 -19.70
N THR A 161 -2.40 -0.07 -20.56
CA THR A 161 -1.49 -0.54 -21.62
C THR A 161 -1.03 0.62 -22.53
N ASP A 162 -1.56 1.81 -22.29
CA ASP A 162 -1.12 3.00 -23.02
C ASP A 162 -0.26 3.99 -22.21
N TRP A 163 -0.01 3.66 -20.93
CA TRP A 163 0.75 4.52 -20.02
C TRP A 163 0.13 5.89 -19.86
N LYS A 164 -1.17 5.93 -19.62
CA LYS A 164 -1.88 7.19 -19.59
C LYS A 164 -2.42 7.47 -18.19
N VAL A 165 -2.47 6.42 -17.37
CA VAL A 165 -2.96 6.52 -16.00
C VAL A 165 -1.81 6.63 -15.00
N TRP A 166 -1.84 7.66 -14.16
CA TRP A 166 -0.86 7.82 -13.08
C TRP A 166 -1.47 7.57 -11.68
N LYS A 167 -1.20 6.39 -11.10
CA LYS A 167 -1.57 6.12 -9.71
C LYS A 167 -0.81 7.01 -8.74
N PRO A 168 -1.55 7.84 -7.97
CA PRO A 168 -0.93 8.57 -6.85
C PRO A 168 -0.73 7.62 -5.68
N MET A 169 0.47 7.61 -5.15
CA MET A 169 0.79 6.71 -4.05
C MET A 169 0.41 7.31 -2.68
N ALA A 170 -0.17 6.50 -1.80
CA ALA A 170 -0.43 6.93 -0.42
C ALA A 170 0.86 7.21 0.35
N GLY A 171 0.81 8.19 1.26
CA GLY A 171 2.02 8.61 1.99
C GLY A 171 2.11 7.97 3.36
N VAL A 172 3.29 7.48 3.70
CA VAL A 172 3.50 6.81 4.96
C VAL A 172 3.43 7.82 6.10
N TYR A 173 2.52 7.58 7.04
CA TYR A 173 2.34 8.50 8.17
C TYR A 173 3.63 8.84 8.94
N GLY A 174 3.93 10.13 9.03
CA GLY A 174 4.90 10.59 10.00
C GLY A 174 6.29 10.39 9.51
N MET A 175 6.41 9.94 8.27
CA MET A 175 7.70 9.74 7.62
C MET A 175 7.68 10.39 6.27
N ASP A 176 8.66 11.25 6.04
CA ASP A 176 8.57 12.18 4.95
C ASP A 176 9.19 11.60 3.69
N GLY A 177 8.50 11.73 2.57
CA GLY A 177 9.03 11.23 1.29
C GLY A 177 9.06 9.71 1.22
N GLN A 178 8.11 9.06 1.89
CA GLN A 178 7.91 7.64 1.76
C GLN A 178 6.48 7.31 1.42
N PHE A 179 6.31 6.38 0.50
CA PHE A 179 4.99 6.15 -0.11
C PHE A 179 4.77 4.67 -0.32
N TYR A 180 3.52 4.27 -0.43
CA TYR A 180 3.21 2.89 -0.58
C TYR A 180 1.95 2.72 -1.36
N SER A 181 1.87 1.62 -2.11
CA SER A 181 0.67 1.33 -2.87
C SER A 181 0.53 -0.15 -3.19
N MET A 182 -0.70 -0.64 -3.11
CA MET A 182 -0.95 -2.04 -3.32
C MET A 182 -1.42 -2.22 -4.73
N ILE A 183 -0.59 -2.85 -5.55
CA ILE A 183 -0.86 -2.97 -6.96
C ILE A 183 -0.70 -4.40 -7.45
N TYR A 184 -1.61 -4.82 -8.30
CA TYR A 184 -1.44 -6.06 -9.04
C TYR A 184 -0.55 -5.83 -10.27
N PHE A 185 0.49 -6.66 -10.39
CA PHE A 185 1.36 -6.67 -11.57
C PHE A 185 1.16 -7.95 -12.37
N ASP A 186 0.80 -7.80 -13.65
CA ASP A 186 0.88 -8.91 -14.59
C ASP A 186 2.33 -9.31 -14.86
N ALA A 187 2.50 -10.50 -15.45
CA ALA A 187 3.83 -10.96 -15.82
C ALA A 187 4.41 -10.07 -16.92
N ASN A 188 5.67 -9.70 -16.76
CA ASN A 188 6.30 -8.65 -17.58
C ASN A 188 5.46 -7.38 -17.67
N SER A 189 5.00 -6.90 -16.53
CA SER A 189 4.56 -5.52 -16.43
C SER A 189 5.73 -4.59 -16.56
N GLU A 190 5.49 -3.46 -17.18
CA GLU A 190 6.50 -2.42 -17.24
C GLU A 190 5.97 -1.17 -16.59
N PHE A 191 6.77 -0.55 -15.75
CA PHE A 191 6.36 0.69 -15.11
C PHE A 191 7.52 1.60 -14.88
N LYS A 192 7.22 2.87 -14.68
CA LYS A 192 8.15 3.78 -14.09
C LYS A 192 7.46 4.51 -12.98
N PHE A 193 8.20 5.37 -12.29
CA PHE A 193 7.58 6.20 -11.29
C PHE A 193 8.08 7.63 -11.37
N GLY A 194 7.34 8.53 -10.74
CA GLY A 194 7.79 9.90 -10.61
C GLY A 194 7.16 10.68 -9.47
N THR A 195 7.77 11.83 -9.17
CA THR A 195 7.32 12.75 -8.13
C THR A 195 6.12 13.56 -8.54
N LYS A 196 6.15 14.04 -9.78
CA LYS A 196 4.98 14.66 -10.39
C LYS A 196 4.56 13.85 -11.60
N GLU A 197 3.27 13.92 -11.94
CA GLU A 197 2.81 13.46 -13.25
C GLU A 197 3.76 13.92 -14.35
N ASN A 198 4.04 13.00 -15.27
CA ASN A 198 4.90 13.28 -16.42
C ASN A 198 6.37 13.44 -16.11
N GLU A 199 6.75 13.07 -14.89
CA GLU A 199 8.13 12.65 -14.62
C GLU A 199 8.24 11.12 -14.74
N TYR A 200 9.33 10.67 -15.32
CA TYR A 200 9.52 9.27 -15.61
C TYR A 200 10.89 8.90 -15.11
N ILE A 201 10.94 8.19 -14.00
CA ILE A 201 12.18 7.65 -13.50
C ILE A 201 12.14 6.14 -13.62
N GLY A 202 13.25 5.57 -14.07
CA GLY A 202 13.30 4.16 -14.32
C GLY A 202 14.56 3.52 -13.79
N ILE A 203 14.73 2.23 -14.07
CA ILE A 203 15.55 1.37 -13.25
C ILE A 203 17.04 1.69 -13.43
N ASN A 204 17.34 2.46 -14.46
CA ASN A 204 18.71 2.69 -14.92
C ASN A 204 19.24 3.99 -14.31
N ASP A 205 18.34 4.80 -13.77
CA ASP A 205 18.71 6.02 -13.08
C ASP A 205 19.62 5.73 -11.88
N ASN A 206 20.73 6.46 -11.79
CA ASN A 206 21.75 6.16 -10.78
C ASN A 206 21.35 6.59 -9.37
N ARG A 207 20.28 7.37 -9.27
CA ARG A 207 19.72 7.71 -7.97
C ARG A 207 18.87 6.55 -7.39
N VAL A 208 18.70 5.48 -8.19
CA VAL A 208 17.68 4.47 -7.88
C VAL A 208 18.30 3.16 -7.39
N THR A 209 17.64 2.52 -6.44
CA THR A 209 18.04 1.21 -5.89
C THR A 209 16.78 0.38 -5.75
N VAL A 210 16.88 -0.90 -6.09
CA VAL A 210 15.74 -1.79 -5.97
C VAL A 210 15.99 -2.86 -4.93
N THR A 211 14.99 -3.14 -4.13
CA THR A 211 15.10 -4.18 -3.13
C THR A 211 13.88 -5.06 -3.19
N ASP A 212 14.09 -6.33 -3.56
CA ASP A 212 12.99 -7.25 -3.79
C ASP A 212 12.78 -8.10 -2.57
N LYS A 213 11.59 -7.99 -1.97
CA LYS A 213 11.26 -8.76 -0.77
C LYS A 213 10.00 -9.58 -0.97
N ALA A 214 9.54 -9.66 -2.19
CA ALA A 214 8.28 -10.28 -2.51
C ALA A 214 8.46 -11.45 -3.46
N GLY A 215 9.68 -11.65 -3.93
CA GLY A 215 9.94 -12.46 -5.11
C GLY A 215 9.18 -12.00 -6.35
N ALA A 216 9.21 -10.70 -6.61
CA ALA A 216 8.56 -10.17 -7.82
C ALA A 216 9.41 -10.41 -9.06
N GLY A 217 10.73 -10.40 -8.85
CA GLY A 217 11.64 -10.54 -9.94
C GLY A 217 11.65 -9.29 -10.76
N VAL A 218 12.50 -8.34 -10.33
CA VAL A 218 12.50 -7.00 -10.89
C VAL A 218 13.73 -6.83 -11.74
N SER A 219 13.56 -6.31 -12.94
CA SER A 219 14.69 -6.08 -13.83
C SER A 219 14.31 -5.06 -14.87
N GLY A 220 15.17 -4.89 -15.86
CA GLY A 220 14.86 -4.06 -17.02
C GLY A 220 16.06 -3.24 -17.39
N SER A 221 15.93 -2.40 -18.40
CA SER A 221 17.08 -1.64 -18.88
C SER A 221 16.72 -0.19 -18.96
N ASP A 222 15.42 0.08 -18.88
CA ASP A 222 14.91 1.41 -18.69
C ASP A 222 13.67 1.39 -17.85
N ASN A 223 12.58 0.92 -18.45
CA ASN A 223 11.43 0.54 -17.68
C ASN A 223 11.81 -0.48 -16.64
N PHE A 224 11.09 -0.44 -15.51
CA PHE A 224 11.10 -1.52 -14.56
C PHE A 224 10.25 -2.60 -15.12
N VAL A 225 10.70 -3.83 -14.94
CA VAL A 225 9.96 -5.01 -15.41
C VAL A 225 9.78 -5.94 -14.23
N VAL A 226 8.54 -6.34 -14.00
CA VAL A 226 8.23 -7.31 -12.98
C VAL A 226 7.94 -8.67 -13.64
N GLU A 227 8.83 -9.64 -13.43
CA GLU A 227 8.67 -10.96 -14.05
C GLU A 227 7.44 -11.75 -13.56
N ASN A 228 7.28 -11.91 -12.25
CA ASN A 228 6.22 -12.77 -11.72
C ASN A 228 4.91 -12.06 -11.41
N ALA A 229 3.86 -12.41 -12.14
CA ALA A 229 2.50 -11.95 -11.83
C ALA A 229 2.16 -12.12 -10.33
N GLY A 230 1.49 -11.11 -9.77
CA GLY A 230 1.18 -11.09 -8.35
C GLY A 230 0.67 -9.73 -7.88
N TRP A 231 -0.03 -9.75 -6.74
CA TRP A 231 -0.20 -8.55 -5.89
C TRP A 231 1.08 -8.25 -5.13
N TYR A 232 1.56 -7.02 -5.24
CA TYR A 232 2.72 -6.59 -4.45
C TYR A 232 2.46 -5.25 -3.85
N LEU A 233 3.09 -4.99 -2.70
CA LEU A 233 3.07 -3.68 -2.11
C LEU A 233 4.23 -2.85 -2.63
N PHE A 234 3.95 -2.03 -3.62
CA PHE A 234 4.94 -1.12 -4.12
C PHE A 234 5.28 -0.02 -3.09
N TYR A 235 6.55 0.10 -2.76
CA TYR A 235 6.96 0.99 -1.70
C TYR A 235 8.16 1.84 -2.12
N VAL A 236 8.06 3.15 -1.97
CA VAL A 236 9.11 4.08 -2.42
C VAL A 236 9.60 4.95 -1.26
N LYS A 237 10.90 5.12 -1.18
CA LYS A 237 11.44 6.04 -0.23
C LYS A 237 12.38 7.03 -0.92
N ALA A 238 11.97 8.29 -0.96
CA ALA A 238 12.81 9.34 -1.52
C ALA A 238 13.48 10.13 -0.40
N ALA A 239 14.80 10.09 -0.38
CA ALA A 239 15.56 10.83 0.63
C ALA A 239 16.44 11.86 -0.06
N VAL A 240 16.60 13.02 0.57
CA VAL A 240 17.55 14.01 0.09
C VAL A 240 18.97 13.62 0.48
N LYS A 241 19.89 13.69 -0.47
CA LYS A 241 21.31 13.49 -0.18
C LYS A 241 22.21 14.09 -1.25
N GLY A 242 23.08 15.01 -0.84
CA GLY A 242 23.51 16.11 -1.69
C GLY A 242 22.36 17.04 -2.04
N ASP A 243 22.37 17.56 -3.27
CA ASP A 243 21.30 18.45 -3.74
C ASP A 243 20.24 17.66 -4.54
N ASP A 244 20.41 16.34 -4.61
CA ASP A 244 19.51 15.47 -5.36
C ASP A 244 18.77 14.47 -4.46
N TYR A 245 17.73 13.85 -4.99
CA TYR A 245 17.06 12.74 -4.34
C TYR A 245 17.84 11.42 -4.44
N GLN A 246 17.40 10.45 -3.67
CA GLN A 246 17.96 9.12 -3.70
C GLN A 246 16.86 8.11 -3.37
N PHE A 247 16.45 7.35 -4.39
CA PHE A 247 15.26 6.51 -4.26
C PHE A 247 15.60 5.08 -3.85
N THR A 248 14.79 4.53 -2.95
CA THR A 248 14.81 3.11 -2.68
C THR A 248 13.46 2.51 -3.00
N ILE A 249 13.42 1.65 -3.99
CA ILE A 249 12.20 0.99 -4.36
C ILE A 249 12.18 -0.39 -3.74
N THR A 250 11.08 -0.74 -3.07
CA THR A 250 10.98 -2.03 -2.39
C THR A 250 9.65 -2.67 -2.73
N PHE A 251 9.70 -3.93 -3.17
CA PHE A 251 8.50 -4.73 -3.32
C PHE A 251 8.31 -5.56 -2.08
N TYR A 252 7.17 -5.38 -1.42
CA TYR A 252 6.84 -6.17 -0.24
C TYR A 252 5.77 -7.12 -0.62
N PRO A 253 5.70 -8.25 0.07
CA PRO A 253 4.64 -9.20 -0.24
C PRO A 253 3.29 -8.61 0.09
N ALA A 254 2.27 -9.03 -0.64
CA ALA A 254 0.94 -8.52 -0.41
C ALA A 254 0.37 -9.06 0.88
N GLU A 255 0.70 -8.41 1.98
CA GLU A 255 0.32 -8.89 3.31
C GLU A 255 -0.54 -7.85 4.05
N VAL A 256 -1.82 -8.16 4.23
CA VAL A 256 -2.73 -7.26 4.91
C VAL A 256 -3.22 -7.87 6.20
N TYR A 257 -3.31 -7.08 7.26
CA TYR A 257 -3.62 -7.62 8.58
C TYR A 257 -4.76 -6.90 9.29
N LEU A 258 -5.59 -7.68 9.95
CA LEU A 258 -6.50 -7.19 10.98
C LEU A 258 -5.80 -6.95 12.30
N PHE A 259 -5.97 -5.76 12.86
CA PHE A 259 -5.54 -5.48 14.25
C PHE A 259 -6.71 -5.06 15.13
N GLY A 260 -6.49 -5.11 16.44
CA GLY A 260 -7.28 -4.33 17.38
C GLY A 260 -8.30 -5.16 18.12
N ASN A 261 -9.32 -4.50 18.63
CA ASN A 261 -10.22 -5.13 19.56
C ASN A 261 -11.08 -6.18 18.88
N THR A 262 -11.24 -6.02 17.56
CA THR A 262 -12.05 -6.95 16.75
C THR A 262 -11.43 -8.35 16.70
N THR A 263 -10.17 -8.43 17.11
CA THR A 263 -9.39 -9.66 16.96
C THR A 263 -9.14 -10.31 18.31
N GLY A 264 -9.70 -9.72 19.37
CA GLY A 264 -9.36 -10.10 20.72
C GLY A 264 -8.14 -9.36 21.23
N GLY A 265 -7.68 -8.38 20.46
CA GLY A 265 -6.69 -7.42 20.96
C GLY A 265 -5.25 -7.75 20.57
N SER A 266 -5.07 -8.32 19.37
CA SER A 266 -3.75 -8.41 18.76
C SER A 266 -3.28 -7.05 18.29
N TRP A 267 -2.13 -6.62 18.77
CA TRP A 267 -1.52 -5.38 18.32
C TRP A 267 -0.15 -5.64 17.69
N ALA A 268 -0.03 -6.81 17.07
CA ALA A 268 1.22 -7.21 16.42
C ALA A 268 0.91 -8.11 15.25
N PHE A 269 1.83 -8.13 14.28
CA PHE A 269 1.68 -8.99 13.10
C PHE A 269 1.53 -10.46 13.48
N ASN A 270 0.37 -10.99 13.17
CA ASN A 270 0.04 -12.33 13.56
C ASN A 270 -0.76 -12.99 12.47
N ASP A 271 -0.32 -14.16 12.04
CA ASP A 271 -0.69 -14.68 10.74
C ASP A 271 -2.06 -15.29 10.75
N GLU A 272 -2.60 -15.47 11.95
CA GLU A 272 -4.01 -15.82 12.12
C GLU A 272 -4.89 -14.73 11.54
N TRP A 273 -4.32 -13.53 11.39
CA TRP A 273 -5.10 -12.32 11.14
C TRP A 273 -4.84 -11.70 9.77
N LYS A 274 -4.30 -12.50 8.86
CA LYS A 274 -3.84 -12.01 7.60
C LYS A 274 -4.89 -12.30 6.54
N PHE A 275 -5.21 -11.29 5.76
CA PHE A 275 -6.20 -11.47 4.70
C PHE A 275 -5.67 -12.48 3.66
N THR A 276 -6.53 -13.37 3.20
CA THR A 276 -6.24 -14.14 2.01
C THR A 276 -6.14 -13.20 0.81
N VAL A 277 -5.37 -13.59 -0.19
CA VAL A 277 -5.03 -12.74 -1.32
C VAL A 277 -5.70 -13.24 -2.58
N PRO A 278 -6.42 -12.36 -3.28
CA PRO A 278 -7.11 -12.80 -4.49
C PRO A 278 -6.14 -13.10 -5.65
N ALA A 279 -6.56 -13.97 -6.56
CA ALA A 279 -5.70 -14.43 -7.63
C ALA A 279 -5.67 -13.44 -8.78
N THR A 280 -6.74 -12.68 -8.97
CA THR A 280 -6.85 -11.79 -10.13
C THR A 280 -6.73 -10.30 -9.78
N LYS A 281 -6.50 -9.50 -10.81
CA LYS A 281 -6.50 -8.03 -10.70
C LYS A 281 -7.73 -7.48 -9.94
N ASP A 282 -8.84 -8.23 -9.95
CA ASP A 282 -10.15 -7.68 -9.55
C ASP A 282 -10.74 -8.37 -8.33
N GLY A 283 -10.04 -9.38 -7.82
CA GLY A 283 -10.49 -10.06 -6.62
C GLY A 283 -10.43 -9.18 -5.39
N ASN A 284 -10.94 -9.70 -4.28
CA ASN A 284 -10.82 -9.02 -3.00
C ASN A 284 -9.79 -9.71 -2.15
N PHE A 285 -9.08 -8.95 -1.34
CA PHE A 285 -8.52 -9.47 -0.10
C PHE A 285 -9.64 -9.57 0.88
N VAL A 286 -9.70 -10.68 1.60
CA VAL A 286 -10.70 -10.83 2.63
C VAL A 286 -10.06 -11.23 3.93
N SER A 287 -10.45 -10.56 5.01
CA SER A 287 -9.96 -10.90 6.32
C SER A 287 -10.58 -12.21 6.75
N PRO A 288 -9.93 -12.92 7.68
CA PRO A 288 -10.65 -13.91 8.47
C PRO A 288 -11.76 -13.27 9.27
N ALA A 289 -12.66 -14.10 9.80
CA ALA A 289 -13.78 -13.63 10.63
C ALA A 289 -13.28 -13.05 11.96
N MET A 290 -13.89 -11.95 12.41
CA MET A 290 -13.53 -11.35 13.70
C MET A 290 -14.11 -12.15 14.86
N THR A 291 -13.50 -12.02 16.04
CA THR A 291 -13.82 -12.90 17.15
C THR A 291 -14.34 -12.11 18.35
N ALA A 292 -14.48 -10.80 18.18
CA ALA A 292 -14.91 -9.92 19.25
C ALA A 292 -15.56 -8.69 18.65
N SER A 293 -15.74 -7.66 19.47
CA SER A 293 -16.46 -6.45 19.04
C SER A 293 -15.62 -5.23 19.33
N GLY A 294 -15.67 -4.24 18.43
CA GLY A 294 -14.91 -3.03 18.58
C GLY A 294 -14.64 -2.36 17.26
N GLU A 295 -13.76 -1.36 17.28
CA GLU A 295 -13.30 -0.72 16.06
C GLU A 295 -12.36 -1.63 15.26
N VAL A 296 -12.59 -1.67 13.95
CA VAL A 296 -11.75 -2.42 13.03
C VAL A 296 -10.47 -1.65 12.73
N ARG A 297 -9.36 -2.36 12.65
CA ARG A 297 -8.10 -1.74 12.24
C ARG A 297 -7.35 -2.59 11.21
N MET A 298 -6.73 -1.93 10.23
CA MET A 298 -6.15 -2.63 9.11
C MET A 298 -4.84 -1.99 8.70
N CYS A 299 -3.89 -2.83 8.31
CA CYS A 299 -2.63 -2.34 7.82
C CYS A 299 -1.92 -3.33 6.91
N PHE A 300 -0.91 -2.81 6.22
CA PHE A 300 0.02 -3.58 5.45
C PHE A 300 1.23 -3.82 6.32
N LYS A 301 2.08 -4.75 5.90
CA LYS A 301 3.27 -5.07 6.64
C LYS A 301 4.49 -4.58 5.87
N THR A 302 5.36 -3.84 6.56
CA THR A 302 6.62 -3.40 5.98
C THR A 302 7.69 -3.55 7.05
N ASP A 303 8.85 -2.94 6.83
CA ASP A 303 9.89 -2.94 7.84
C ASP A 303 9.64 -1.88 8.89
N LEU A 304 8.62 -1.06 8.67
CA LEU A 304 8.25 -0.03 9.63
C LEU A 304 7.16 -0.50 10.54
N ASP A 305 6.91 0.30 11.58
CA ASP A 305 5.80 0.09 12.49
C ASP A 305 4.50 -0.02 11.74
N TRP A 306 3.61 -0.88 12.20
CA TRP A 306 2.40 -1.17 11.44
C TRP A 306 1.56 0.06 11.16
N TRP A 307 1.44 0.94 12.15
CA TRP A 307 0.42 1.99 12.12
C TRP A 307 0.81 3.13 11.14
N ARG A 308 2.10 3.18 10.81
CA ARG A 308 2.58 4.02 9.71
C ARG A 308 2.02 3.62 8.32
N THR A 309 1.41 2.45 8.22
CA THR A 309 0.82 2.02 6.93
C THR A 309 -0.50 1.33 7.14
N GLU A 310 -1.47 2.08 7.63
CA GLU A 310 -2.75 1.52 8.00
C GLU A 310 -3.84 2.38 7.44
N PHE A 311 -5.07 1.93 7.52
CA PHE A 311 -6.10 2.51 6.69
C PHE A 311 -7.46 1.97 7.08
N THR A 312 -8.51 2.56 6.52
CA THR A 312 -9.85 2.19 6.90
C THR A 312 -10.80 2.41 5.76
N LEU A 313 -12.09 2.22 6.04
CA LEU A 313 -13.16 2.41 5.06
C LEU A 313 -14.01 3.68 5.34
N HIS A 314 -13.80 4.72 4.57
CA HIS A 314 -14.64 5.90 4.63
C HIS A 314 -15.62 5.93 3.45
N ASP A 315 -16.86 5.50 3.70
CA ASP A 315 -17.94 5.71 2.71
C ASP A 315 -17.85 4.71 1.57
N GLY A 316 -17.43 3.49 1.87
CA GLY A 316 -17.12 2.50 0.83
C GLY A 316 -15.74 2.65 0.20
N GLU A 317 -15.05 3.76 0.48
CA GLU A 317 -13.72 4.02 -0.09
C GLU A 317 -12.60 3.71 0.90
N ILE A 318 -11.44 3.34 0.38
CA ILE A 318 -10.32 3.00 1.23
C ILE A 318 -9.58 4.27 1.61
N PHE A 319 -9.52 4.56 2.90
CA PHE A 319 -8.86 5.75 3.35
C PHE A 319 -7.57 5.41 4.12
N TYR A 320 -6.46 5.95 3.65
CA TYR A 320 -5.17 5.76 4.33
C TYR A 320 -4.92 6.83 5.40
N ARG A 321 -4.64 6.40 6.62
CA ARG A 321 -4.28 7.29 7.70
C ARG A 321 -3.31 8.39 7.28
N ASP A 322 -3.58 9.61 7.75
CA ASP A 322 -2.82 10.81 7.37
C ASP A 322 -2.77 11.83 8.54
N PHE A 323 -3.30 11.42 9.69
CA PHE A 323 -3.28 12.24 10.90
C PHE A 323 -2.76 11.42 12.11
N ASN A 324 -2.53 12.09 13.23
CA ASN A 324 -2.11 11.43 14.47
C ASN A 324 -3.26 10.72 15.16
N LEU A 325 -3.24 9.40 15.14
CA LEU A 325 -4.37 8.62 15.68
C LEU A 325 -3.97 7.93 16.99
N ILE A 326 -4.84 8.00 17.98
CA ILE A 326 -4.49 7.57 19.33
C ILE A 326 -5.38 6.46 19.85
N ASP A 327 -6.68 6.71 19.95
CA ASP A 327 -7.58 5.70 20.50
C ASP A 327 -8.42 5.08 19.38
N SER A 328 -8.79 5.90 18.40
CA SER A 328 -9.80 5.51 17.42
C SER A 328 -9.86 6.38 16.16
N TRP A 329 -10.63 5.93 15.18
CA TRP A 329 -10.75 6.64 13.91
C TRP A 329 -11.74 7.79 14.01
N THR A 330 -12.72 7.65 14.91
CA THR A 330 -13.62 8.76 15.26
C THR A 330 -12.88 10.07 15.52
N GLU A 331 -11.64 9.98 15.94
CA GLU A 331 -10.77 11.18 15.97
C GLU A 331 -10.66 11.91 14.62
N LYS A 332 -11.07 11.25 13.54
CA LYS A 332 -11.00 11.86 12.20
C LYS A 332 -12.34 12.47 11.81
N GLY A 333 -13.41 11.90 12.35
CA GLY A 333 -14.71 11.87 11.71
C GLY A 333 -15.37 10.56 12.08
N ASP A 334 -16.69 10.49 11.95
CA ASP A 334 -17.35 9.20 11.88
C ASP A 334 -17.64 8.83 10.43
N GLY A 335 -18.18 7.62 10.23
CA GLY A 335 -17.91 6.81 9.05
C GLY A 335 -16.51 7.01 8.52
N TYR A 336 -15.57 7.27 9.43
CA TYR A 336 -14.23 6.74 9.30
C TYR A 336 -14.06 5.53 10.20
N SER A 337 -14.71 5.57 11.35
CA SER A 337 -14.66 4.44 12.25
C SER A 337 -15.61 3.41 11.77
N ILE A 338 -15.32 2.16 12.09
CA ILE A 338 -15.93 1.06 11.41
C ILE A 338 -16.13 -0.08 12.37
N GLN A 339 -17.39 -0.36 12.69
CA GLN A 339 -17.73 -1.09 13.90
C GLN A 339 -17.98 -2.54 13.59
N GLY A 340 -17.19 -3.41 14.19
CA GLY A 340 -17.26 -4.81 13.87
C GLY A 340 -17.73 -5.63 15.04
N SER A 341 -18.24 -6.83 14.73
CA SER A 341 -18.61 -7.82 15.75
C SER A 341 -18.29 -9.25 15.29
N ALA A 342 -18.20 -10.18 16.24
CA ALA A 342 -17.92 -11.58 15.94
C ALA A 342 -18.64 -12.04 14.66
N GLY A 343 -17.86 -12.56 13.71
CA GLY A 343 -18.43 -13.14 12.48
C GLY A 343 -18.17 -12.30 11.23
N ASN A 344 -18.03 -10.99 11.43
CA ASN A 344 -17.82 -10.05 10.33
C ASN A 344 -16.54 -10.35 9.51
N VAL A 345 -16.56 -10.01 8.22
CA VAL A 345 -15.33 -9.98 7.41
C VAL A 345 -15.26 -8.71 6.56
N ILE A 346 -14.04 -8.26 6.30
CA ILE A 346 -13.81 -7.18 5.35
C ILE A 346 -13.46 -7.72 3.97
N HIS A 347 -13.99 -7.08 2.95
CA HIS A 347 -13.51 -7.27 1.59
C HIS A 347 -12.82 -6.02 1.11
N LEU A 348 -11.60 -6.16 0.63
CA LEU A 348 -10.91 -5.03 0.01
C LEU A 348 -10.67 -5.27 -1.46
N ASN A 349 -10.96 -4.29 -2.29
CA ASN A 349 -10.47 -4.28 -3.65
C ASN A 349 -9.58 -3.08 -3.93
N PHE A 350 -8.27 -3.32 -4.02
CA PHE A 350 -7.30 -2.23 -4.13
C PHE A 350 -7.14 -1.67 -5.53
N THR A 351 -7.67 -2.37 -6.51
CA THR A 351 -7.68 -1.83 -7.86
C THR A 351 -8.71 -0.72 -7.95
N ALA A 352 -9.96 -1.05 -7.57
CA ALA A 352 -11.02 -0.06 -7.41
C ALA A 352 -10.67 0.98 -6.31
N GLY A 353 -10.05 0.53 -5.23
CA GLY A 353 -9.86 1.37 -4.06
C GLY A 353 -11.12 1.46 -3.22
N THR A 354 -11.83 0.35 -3.12
CA THR A 354 -13.04 0.30 -2.35
C THR A 354 -12.99 -0.89 -1.45
N GLY A 355 -14.01 -1.03 -0.62
CA GLY A 355 -14.11 -2.14 0.30
C GLY A 355 -15.41 -2.07 1.06
N GLU A 356 -15.72 -3.12 1.81
CA GLU A 356 -16.99 -3.20 2.49
C GLU A 356 -16.95 -4.23 3.59
N LYS A 357 -17.66 -3.93 4.69
CA LYS A 357 -17.87 -4.90 5.76
C LYS A 357 -19.02 -5.80 5.39
N LYS A 358 -18.90 -7.07 5.75
CA LYS A 358 -19.94 -8.05 5.45
C LYS A 358 -20.04 -9.07 6.58
#